data_7JLI
#
_entry.id   7JLI
#
_cell.length_a   59.539
_cell.length_b   59.539
_cell.length_c   161.798
_cell.angle_alpha   90.000
_cell.angle_beta   90.000
_cell.angle_gamma   90.000
#
_symmetry.space_group_name_H-M   'P 43 21 2'
#
loop_
_entity.id
_entity.type
_entity.pdbx_description
1 polymer 'Isoprenyl transferase'
2 non-polymer DI(HYDROXYETHYL)ETHER
3 water water
#
_entity_poly.entity_id   1
_entity_poly.type   'polypeptide(L)'
_entity_poly.pdbx_seq_one_letter_code
;MLNILKNWKNQQTAASNLERYTKEDILKGEIPEHIAIIMDGNGRWAKKRSLPRIAGHHEGMKVVKRTTKLANELGVKVLT
LYAFSTENWKRPKMEVDFLMKLPEEFLNTYLPELVEENVQVRIIGDETALPAHTLRAIEKAVQDTAQNDGMILNFALNYG
GRTEIVSAAKSLAEKVKEGSLNIEDIDESLFSTYLMTESLQDPELLIRTSGEIRLSNFMLWQVAYSEFVFTDVLWPDFKE
DHFLQALGEFQQRGRRFGGI
;
_entity_poly.pdbx_strand_id   A
#
loop_
_chem_comp.id
_chem_comp.type
_chem_comp.name
_chem_comp.formula
PEG non-polymer DI(HYDROXYETHYL)ETHER 'C4 H10 O3'
#
# COMPACT_ATOMS: atom_id res chain seq x y z
N ARG A 20 12.82 6.66 20.51
CA ARG A 20 12.39 6.87 21.88
C ARG A 20 11.20 5.97 22.25
N TYR A 21 10.39 5.59 21.26
CA TYR A 21 9.25 4.71 21.47
C TYR A 21 9.68 3.25 21.33
N THR A 22 9.48 2.45 22.39
CA THR A 22 9.72 1.01 22.32
C THR A 22 8.53 0.30 21.67
N LYS A 23 8.71 -0.98 21.34
CA LYS A 23 7.59 -1.75 20.84
C LYS A 23 6.53 -1.96 21.91
N GLU A 24 6.95 -2.16 23.17
CA GLU A 24 5.97 -2.29 24.25
C GLU A 24 5.27 -0.97 24.52
N ASP A 25 5.98 0.15 24.36
CA ASP A 25 5.35 1.46 24.45
C ASP A 25 4.21 1.56 23.45
N ILE A 26 4.47 1.15 22.20
CA ILE A 26 3.49 1.28 21.14
C ILE A 26 2.29 0.38 21.40
N LEU A 27 2.53 -0.85 21.85
CA LEU A 27 1.45 -1.78 22.09
C LEU A 27 0.50 -1.33 23.20
N LYS A 28 0.93 -0.38 24.04
CA LYS A 28 0.06 0.16 25.06
C LYS A 28 -1.05 1.03 24.46
N GLY A 29 -0.86 1.62 23.27
CA GLY A 29 -1.76 2.56 22.71
C GLY A 29 -2.54 2.02 21.51
N GLU A 30 -3.21 2.94 20.81
CA GLU A 30 -4.07 2.55 19.70
C GLU A 30 -3.24 2.15 18.49
N ILE A 31 -3.56 1.01 17.91
CA ILE A 31 -2.94 0.53 16.67
C ILE A 31 -3.92 0.79 15.55
N PRO A 32 -3.57 1.62 14.55
CA PRO A 32 -4.45 1.82 13.40
C PRO A 32 -4.77 0.48 12.77
N GLU A 33 -6.02 0.29 12.38
CA GLU A 33 -6.41 -0.97 11.74
C GLU A 33 -5.85 -1.06 10.31
N HIS A 34 -5.85 0.05 9.58
CA HIS A 34 -5.35 0.05 8.20
C HIS A 34 -4.27 1.11 8.07
N ILE A 35 -3.05 0.67 7.81
CA ILE A 35 -1.91 1.55 7.56
C ILE A 35 -1.58 1.49 6.08
N ALA A 36 -1.34 2.64 5.46
CA ALA A 36 -0.85 2.63 4.07
C ALA A 36 0.52 3.29 4.03
N ILE A 37 1.44 2.71 3.25
CA ILE A 37 2.79 3.28 3.11
C ILE A 37 3.09 3.51 1.64
N ILE A 38 3.54 4.72 1.33
CA ILE A 38 4.10 5.06 0.03
C ILE A 38 5.60 4.74 0.11
N MET A 39 6.03 3.68 -0.60
CA MET A 39 7.39 3.13 -0.48
C MET A 39 8.40 3.86 -1.38
N ASP A 40 8.82 5.04 -0.96
CA ASP A 40 9.66 5.88 -1.81
C ASP A 40 11.12 5.82 -1.33
N GLY A 41 12.05 6.05 -2.26
CA GLY A 41 13.45 6.23 -1.93
C GLY A 41 14.37 5.06 -2.32
N ASN A 42 13.84 4.03 -2.99
CA ASN A 42 14.70 2.88 -3.35
C ASN A 42 15.90 3.31 -4.19
N GLY A 43 15.64 4.14 -5.20
CA GLY A 43 16.71 4.60 -6.10
C GLY A 43 17.72 5.47 -5.39
N ARG A 44 17.21 6.41 -4.60
CA ARG A 44 18.04 7.33 -3.81
C ARG A 44 18.89 6.51 -2.85
N TRP A 45 18.35 5.43 -2.31
CA TRP A 45 19.12 4.59 -1.39
C TRP A 45 20.26 3.90 -2.10
N ALA A 46 19.98 3.35 -3.28
CA ALA A 46 21.06 2.66 -4.04
C ALA A 46 22.21 3.62 -4.31
N LYS A 47 21.89 4.83 -4.74
CA LYS A 47 22.91 5.86 -5.05
C LYS A 47 23.71 6.17 -3.79
N LYS A 48 23.05 6.33 -2.66
CA LYS A 48 23.75 6.61 -1.39
C LYS A 48 24.74 5.49 -1.10
N ARG A 49 24.36 4.26 -1.38
CA ARG A 49 25.17 3.10 -1.03
C ARG A 49 26.16 2.68 -2.12
N SER A 50 26.29 3.44 -3.20
CA SER A 50 27.10 3.07 -4.38
C SER A 50 26.71 1.72 -4.95
N LEU A 51 25.43 1.43 -4.94
CA LEU A 51 24.87 0.23 -5.49
C LEU A 51 24.03 0.54 -6.74
N PRO A 52 23.89 -0.41 -7.66
CA PRO A 52 23.06 -0.15 -8.85
C PRO A 52 21.59 -0.03 -8.46
N ARG A 53 20.84 0.68 -9.32
CA ARG A 53 19.43 0.91 -9.05
C ARG A 53 18.67 -0.40 -8.80
N ILE A 54 18.95 -1.45 -9.58
CA ILE A 54 18.21 -2.69 -9.35
C ILE A 54 18.53 -3.30 -7.98
N ALA A 55 19.70 -3.01 -7.40
CA ALA A 55 19.94 -3.47 -6.03
C ALA A 55 19.01 -2.75 -5.05
N GLY A 56 18.74 -1.47 -5.31
CA GLY A 56 17.80 -0.72 -4.47
C GLY A 56 16.41 -1.29 -4.56
N HIS A 57 15.96 -1.61 -5.79
CA HIS A 57 14.64 -2.22 -5.96
C HIS A 57 14.57 -3.56 -5.26
N HIS A 58 15.61 -4.39 -5.41
CA HIS A 58 15.61 -5.68 -4.75
C HIS A 58 15.55 -5.54 -3.23
N GLU A 59 16.27 -4.56 -2.68
CA GLU A 59 16.26 -4.37 -1.24
C GLU A 59 14.91 -3.86 -0.75
N GLY A 60 14.30 -2.93 -1.49
CA GLY A 60 12.97 -2.48 -1.13
C GLY A 60 11.98 -3.62 -1.10
N MET A 61 12.15 -4.57 -2.03
CA MET A 61 11.32 -5.78 -2.01
C MET A 61 11.53 -6.56 -0.72
N LYS A 62 12.77 -6.62 -0.22
CA LYS A 62 13.06 -7.38 1.00
C LYS A 62 12.50 -6.71 2.26
N VAL A 63 12.54 -5.38 2.34
CA VAL A 63 11.98 -4.64 3.47
C VAL A 63 10.46 -4.78 3.56
N VAL A 64 9.79 -5.15 2.46
CA VAL A 64 8.36 -5.46 2.53
C VAL A 64 8.10 -6.58 3.53
N LYS A 65 8.93 -7.62 3.50
CA LYS A 65 8.71 -8.76 4.41
C LYS A 65 8.87 -8.34 5.88
N ARG A 66 9.93 -7.62 6.22
CA ARG A 66 10.16 -7.23 7.64
C ARG A 66 9.02 -6.34 8.12
N THR A 67 8.60 -5.38 7.29
CA THR A 67 7.51 -4.47 7.69
C THR A 67 6.22 -5.26 7.87
N THR A 68 5.97 -6.20 6.99
CA THR A 68 4.73 -6.99 7.10
C THR A 68 4.72 -7.74 8.42
N LYS A 69 5.84 -8.38 8.75
CA LYS A 69 5.93 -9.17 9.97
C LYS A 69 5.60 -8.31 11.19
N LEU A 70 6.21 -7.13 11.27
CA LEU A 70 6.01 -6.27 12.42
C LEU A 70 4.56 -5.80 12.51
N ALA A 71 3.99 -5.35 11.39
CA ALA A 71 2.60 -4.90 11.40
C ALA A 71 1.67 -6.02 11.83
N ASN A 72 1.95 -7.25 11.37
CA ASN A 72 1.13 -8.39 11.75
C ASN A 72 1.23 -8.64 13.24
N GLU A 73 2.45 -8.54 13.77
CA GLU A 73 2.68 -8.80 15.19
C GLU A 73 2.02 -7.73 16.05
N LEU A 74 1.89 -6.51 15.53
CA LEU A 74 1.28 -5.41 16.28
C LEU A 74 -0.23 -5.42 16.20
N GLY A 75 -0.83 -6.34 15.45
CA GLY A 75 -2.27 -6.40 15.30
C GLY A 75 -2.85 -5.50 14.23
N VAL A 76 -2.03 -4.98 13.31
CA VAL A 76 -2.57 -4.25 12.18
C VAL A 76 -3.47 -5.18 11.36
N LYS A 77 -4.60 -4.64 10.90
CA LYS A 77 -5.54 -5.45 10.13
C LYS A 77 -5.37 -5.37 8.62
N VAL A 78 -4.92 -4.24 8.09
CA VAL A 78 -4.65 -4.06 6.66
C VAL A 78 -3.37 -3.26 6.52
N LEU A 79 -2.40 -3.79 5.78
CA LEU A 79 -1.21 -3.04 5.42
C LEU A 79 -1.23 -2.85 3.90
N THR A 80 -1.43 -1.62 3.43
CA THR A 80 -1.38 -1.32 2.01
C THR A 80 0.02 -0.78 1.70
N LEU A 81 0.70 -1.38 0.73
CA LEU A 81 2.02 -0.92 0.28
C LEU A 81 1.94 -0.46 -1.18
N TYR A 82 2.33 0.80 -1.43
CA TYR A 82 2.26 1.39 -2.75
C TYR A 82 3.66 1.41 -3.34
N ALA A 83 3.80 0.84 -4.53
CA ALA A 83 5.03 0.97 -5.31
C ALA A 83 4.82 1.91 -6.48
N PHE A 84 5.82 2.74 -6.75
CA PHE A 84 5.73 3.69 -7.87
C PHE A 84 5.86 2.94 -9.19
N SER A 85 5.27 3.53 -10.21
CA SER A 85 5.39 3.02 -11.60
C SER A 85 6.59 3.71 -12.26
N THR A 86 6.79 3.43 -13.53
CA THR A 86 7.89 4.01 -14.33
C THR A 86 7.68 5.52 -14.67
N GLU A 87 6.49 6.08 -14.46
CA GLU A 87 6.08 7.45 -14.85
C GLU A 87 6.85 8.61 -14.18
N ASN A 88 7.52 8.42 -13.04
CA ASN A 88 8.30 9.53 -12.41
C ASN A 88 9.47 9.94 -13.33
N TRP A 89 10.13 8.95 -13.94
CA TRP A 89 11.31 9.18 -14.81
C TRP A 89 11.50 7.95 -15.71
N LYS A 90 11.56 8.15 -17.03
CA LYS A 90 11.72 7.04 -18.00
C LYS A 90 12.98 6.24 -17.67
N ARG A 91 12.89 4.92 -17.72
CA ARG A 91 14.02 4.04 -17.36
C ARG A 91 14.30 3.06 -18.48
N PRO A 92 15.54 2.52 -18.57
CA PRO A 92 15.90 1.59 -19.61
C PRO A 92 15.17 0.24 -19.50
N LYS A 93 15.04 -0.43 -20.62
CA LYS A 93 14.34 -1.73 -20.72
C LYS A 93 14.83 -2.73 -19.67
N MET A 94 16.14 -2.89 -19.50
CA MET A 94 16.66 -3.81 -18.50
C MET A 94 16.01 -3.56 -17.14
N GLU A 95 15.94 -2.29 -16.73
CA GLU A 95 15.40 -1.97 -15.39
C GLU A 95 13.88 -2.16 -15.34
N VAL A 96 13.18 -1.75 -16.39
CA VAL A 96 11.73 -1.96 -16.48
C VAL A 96 11.39 -3.44 -16.34
N ASP A 97 12.08 -4.29 -17.11
CA ASP A 97 11.85 -5.73 -17.04
C ASP A 97 12.18 -6.26 -15.66
N PHE A 98 13.22 -5.72 -15.02
CA PHE A 98 13.57 -6.19 -13.69
C PHE A 98 12.44 -5.89 -12.70
N LEU A 99 11.92 -4.65 -12.73
CA LEU A 99 10.81 -4.31 -11.86
C LEU A 99 9.61 -5.19 -12.12
N MET A 100 9.31 -5.46 -13.38
CA MET A 100 8.15 -6.28 -13.72
C MET A 100 8.28 -7.71 -13.22
N LYS A 101 9.50 -8.20 -12.98
CA LYS A 101 9.61 -9.55 -12.48
C LYS A 101 9.65 -9.62 -10.96
N LEU A 102 9.75 -8.48 -10.28
CA LEU A 102 9.91 -8.49 -8.83
C LEU A 102 8.70 -9.10 -8.10
N PRO A 103 7.47 -8.88 -8.52
CA PRO A 103 6.35 -9.54 -7.79
C PRO A 103 6.52 -11.06 -7.74
N GLU A 104 6.99 -11.68 -8.83
CA GLU A 104 7.17 -13.13 -8.81
C GLU A 104 8.30 -13.54 -7.89
N GLU A 105 9.40 -12.78 -7.88
CA GLU A 105 10.46 -13.14 -6.96
C GLU A 105 9.98 -13.01 -5.52
N PHE A 106 9.21 -11.95 -5.22
CA PHE A 106 8.71 -11.77 -3.85
C PHE A 106 7.87 -12.98 -3.43
N LEU A 107 6.97 -13.42 -4.31
CA LEU A 107 6.08 -14.52 -3.97
C LEU A 107 6.84 -15.84 -3.87
N ASN A 108 7.76 -16.09 -4.80
CA ASN A 108 8.61 -17.28 -4.71
C ASN A 108 9.36 -17.32 -3.40
N THR A 109 9.91 -16.18 -2.96
CA THR A 109 10.73 -16.20 -1.76
C THR A 109 9.88 -16.27 -0.50
N TYR A 110 8.78 -15.49 -0.45
CA TYR A 110 8.09 -15.22 0.82
C TYR A 110 6.70 -15.80 0.96
N LEU A 111 6.08 -16.31 -0.11
CA LEU A 111 4.69 -16.76 0.04
C LEU A 111 4.51 -17.85 1.09
N PRO A 112 5.37 -18.88 1.21
CA PRO A 112 5.12 -19.87 2.27
C PRO A 112 5.06 -19.29 3.67
N GLU A 113 5.92 -18.32 3.97
CA GLU A 113 5.85 -17.64 5.26
C GLU A 113 4.54 -16.89 5.39
N LEU A 114 4.17 -16.12 4.37
CA LEU A 114 2.88 -15.40 4.40
C LEU A 114 1.73 -16.35 4.69
N VAL A 115 1.72 -17.52 4.06
CA VAL A 115 0.66 -18.50 4.29
C VAL A 115 0.64 -18.94 5.74
N GLU A 116 1.83 -19.24 6.28
CA GLU A 116 1.95 -19.70 7.67
C GLU A 116 1.56 -18.62 8.66
N GLU A 117 1.76 -17.34 8.31
CA GLU A 117 1.41 -16.21 9.18
C GLU A 117 -0.04 -15.78 9.03
N ASN A 118 -0.85 -16.54 8.29
CA ASN A 118 -2.28 -16.28 8.16
C ASN A 118 -2.54 -14.95 7.47
N VAL A 119 -1.62 -14.49 6.62
CA VAL A 119 -1.77 -13.25 5.88
C VAL A 119 -2.63 -13.52 4.64
N GLN A 120 -3.46 -12.54 4.27
CA GLN A 120 -4.20 -12.57 3.01
C GLN A 120 -3.55 -11.59 2.03
N VAL A 121 -3.11 -12.08 0.88
CA VAL A 121 -2.46 -11.23 -0.11
C VAL A 121 -3.53 -10.71 -1.07
N ARG A 122 -3.52 -9.40 -1.31
CA ARG A 122 -4.46 -8.79 -2.23
C ARG A 122 -3.71 -7.75 -3.05
N ILE A 123 -4.32 -7.33 -4.15
CA ILE A 123 -3.68 -6.31 -4.98
C ILE A 123 -4.73 -5.35 -5.51
N ILE A 124 -4.33 -4.08 -5.71
CA ILE A 124 -5.18 -3.10 -6.39
C ILE A 124 -4.34 -2.40 -7.44
N GLY A 125 -5.02 -1.83 -8.43
CA GLY A 125 -4.34 -1.15 -9.52
C GLY A 125 -4.69 -1.79 -10.85
N ASP A 126 -3.98 -1.35 -11.89
CA ASP A 126 -4.27 -1.79 -13.26
C ASP A 126 -3.49 -3.07 -13.50
N GLU A 127 -4.15 -4.21 -13.31
CA GLU A 127 -3.47 -5.49 -13.50
C GLU A 127 -3.12 -5.74 -14.97
N THR A 128 -3.78 -5.06 -15.91
CA THR A 128 -3.46 -5.29 -17.30
C THR A 128 -2.07 -4.79 -17.67
N ALA A 129 -1.43 -4.03 -16.78
CA ALA A 129 -0.07 -3.56 -16.99
C ALA A 129 0.99 -4.62 -16.70
N LEU A 130 0.61 -5.76 -16.16
CA LEU A 130 1.61 -6.78 -15.90
C LEU A 130 1.50 -7.90 -16.93
N PRO A 131 2.58 -8.63 -17.19
CA PRO A 131 2.49 -9.73 -18.17
C PRO A 131 1.75 -10.93 -17.58
N ALA A 132 1.22 -11.75 -18.49
CA ALA A 132 0.36 -12.86 -18.07
C ALA A 132 1.02 -13.77 -17.05
N HIS A 133 2.29 -14.13 -17.26
CA HIS A 133 3.00 -15.04 -16.36
C HIS A 133 3.03 -14.48 -14.95
N THR A 134 3.27 -13.18 -14.84
CA THR A 134 3.26 -12.54 -13.53
C THR A 134 1.86 -12.46 -12.94
N LEU A 135 0.86 -12.12 -13.77
CA LEU A 135 -0.51 -12.12 -13.27
C LEU A 135 -0.91 -13.50 -12.76
N ARG A 136 -0.52 -14.57 -13.46
CA ARG A 136 -0.94 -15.90 -13.04
C ARG A 136 -0.34 -16.23 -11.68
N ALA A 137 0.88 -15.78 -11.41
CA ALA A 137 1.50 -16.08 -10.12
C ALA A 137 0.86 -15.26 -9.01
N ILE A 138 0.59 -13.99 -9.29
CA ILE A 138 -0.09 -13.15 -8.32
C ILE A 138 -1.46 -13.71 -8.01
N GLU A 139 -2.22 -14.11 -9.05
CA GLU A 139 -3.55 -14.63 -8.79
C GLU A 139 -3.49 -15.91 -7.95
N LYS A 140 -2.49 -16.76 -8.18
CA LYS A 140 -2.36 -17.98 -7.40
C LYS A 140 -2.11 -17.64 -5.92
N ALA A 141 -1.26 -16.65 -5.67
CA ALA A 141 -0.97 -16.26 -4.29
C ALA A 141 -2.19 -15.68 -3.60
N VAL A 142 -2.96 -14.90 -4.34
CA VAL A 142 -4.22 -14.36 -3.79
C VAL A 142 -5.14 -15.54 -3.44
N GLN A 143 -5.32 -16.46 -4.37
CA GLN A 143 -6.23 -17.61 -4.12
C GLN A 143 -5.69 -18.47 -2.99
N ASP A 144 -4.39 -18.74 -2.95
CA ASP A 144 -3.79 -19.60 -1.90
C ASP A 144 -3.90 -18.97 -0.51
N THR A 145 -4.02 -17.65 -0.39
CA THR A 145 -4.17 -17.01 0.91
C THR A 145 -5.58 -16.50 1.19
N ALA A 146 -6.53 -16.69 0.27
CA ALA A 146 -7.85 -16.10 0.51
C ALA A 146 -8.62 -16.78 1.63
N GLN A 147 -8.25 -17.99 2.02
CA GLN A 147 -8.92 -18.55 3.19
C GLN A 147 -8.14 -18.36 4.47
N ASN A 148 -7.04 -17.62 4.44
CA ASN A 148 -6.53 -17.06 5.68
C ASN A 148 -7.48 -15.97 6.17
N ASP A 149 -7.47 -15.71 7.48
CA ASP A 149 -8.33 -14.64 8.01
C ASP A 149 -7.56 -13.63 8.85
N GLY A 150 -6.23 -13.58 8.70
CA GLY A 150 -5.39 -12.64 9.42
C GLY A 150 -5.19 -11.34 8.66
N MET A 151 -4.00 -10.75 8.84
CA MET A 151 -3.75 -9.42 8.28
C MET A 151 -3.81 -9.45 6.76
N ILE A 152 -4.39 -8.39 6.19
CA ILE A 152 -4.44 -8.25 4.74
C ILE A 152 -3.19 -7.48 4.33
N LEU A 153 -2.41 -8.05 3.43
CA LEU A 153 -1.27 -7.38 2.82
C LEU A 153 -1.72 -6.98 1.42
N ASN A 154 -1.97 -5.69 1.22
CA ASN A 154 -2.61 -5.16 0.04
C ASN A 154 -1.56 -4.38 -0.78
N PHE A 155 -1.16 -4.92 -1.93
CA PHE A 155 -0.19 -4.23 -2.78
C PHE A 155 -0.89 -3.31 -3.76
N ALA A 156 -0.44 -2.05 -3.85
CA ALA A 156 -0.99 -1.14 -4.86
C ALA A 156 0.08 -1.02 -5.94
N LEU A 157 -0.18 -1.63 -7.10
CA LEU A 157 0.78 -1.69 -8.20
C LEU A 157 0.10 -1.10 -9.41
N ASN A 158 0.83 -0.27 -10.16
CA ASN A 158 0.23 0.44 -11.30
C ASN A 158 -1.11 1.02 -10.92
N TYR A 159 -1.10 1.75 -9.82
CA TYR A 159 -2.30 2.26 -9.20
C TYR A 159 -2.24 3.78 -9.20
N GLY A 160 -3.37 4.41 -9.51
CA GLY A 160 -3.52 5.86 -9.46
C GLY A 160 -4.85 6.29 -8.88
N GLY A 161 -4.85 7.26 -7.97
CA GLY A 161 -6.10 7.70 -7.35
C GLY A 161 -7.08 8.33 -8.33
N ARG A 162 -6.58 9.20 -9.22
CA ARG A 162 -7.50 9.85 -10.16
C ARG A 162 -8.13 8.83 -11.10
N THR A 163 -7.31 7.91 -11.68
CA THR A 163 -7.94 6.96 -12.62
CA THR A 163 -7.90 6.94 -12.61
C THR A 163 -8.91 6.03 -11.90
N GLU A 164 -8.66 5.71 -10.63
CA GLU A 164 -9.61 4.91 -9.87
C GLU A 164 -10.96 5.62 -9.71
N ILE A 165 -10.91 6.91 -9.40
CA ILE A 165 -12.12 7.72 -9.27
C ILE A 165 -12.88 7.79 -10.60
N VAL A 166 -12.17 8.04 -11.68
CA VAL A 166 -12.83 8.07 -13.00
C VAL A 166 -13.49 6.73 -13.32
N SER A 167 -12.77 5.64 -13.06
CA SER A 167 -13.33 4.30 -13.31
CA SER A 167 -13.32 4.30 -13.31
C SER A 167 -14.60 4.07 -12.51
N ALA A 168 -14.62 4.52 -11.25
CA ALA A 168 -15.85 4.40 -10.46
C ALA A 168 -16.98 5.17 -11.11
N ALA A 169 -16.71 6.41 -11.53
CA ALA A 169 -17.75 7.23 -12.16
C ALA A 169 -18.25 6.57 -13.44
N LYS A 170 -17.33 5.94 -14.18
CA LYS A 170 -17.76 5.33 -15.44
C LYS A 170 -18.61 4.10 -15.18
N SER A 171 -18.27 3.30 -14.15
CA SER A 171 -19.11 2.14 -13.85
C SER A 171 -20.49 2.55 -13.35
N LEU A 172 -20.54 3.57 -12.49
CA LEU A 172 -21.84 4.11 -12.09
C LEU A 172 -22.65 4.58 -13.31
N ALA A 173 -22.02 5.33 -14.21
CA ALA A 173 -22.75 5.80 -15.40
C ALA A 173 -23.23 4.64 -16.28
N GLU A 174 -22.47 3.55 -16.36
CA GLU A 174 -22.95 2.39 -17.13
C GLU A 174 -24.21 1.80 -16.51
N LYS A 175 -24.26 1.70 -15.18
CA LYS A 175 -25.47 1.16 -14.55
C LYS A 175 -26.64 2.10 -14.73
N VAL A 176 -26.39 3.41 -14.71
CA VAL A 176 -27.44 4.38 -14.95
C VAL A 176 -27.92 4.26 -16.39
N LYS A 177 -26.98 4.11 -17.32
CA LYS A 177 -27.33 3.95 -18.73
C LYS A 177 -28.19 2.72 -18.96
N GLU A 178 -27.84 1.60 -18.31
CA GLU A 178 -28.56 0.34 -18.48
C GLU A 178 -29.88 0.31 -17.73
N GLY A 179 -30.10 1.24 -16.80
CA GLY A 179 -31.36 1.38 -16.10
C GLY A 179 -31.44 0.67 -14.76
N SER A 180 -30.33 0.19 -14.22
CA SER A 180 -30.36 -0.51 -12.94
C SER A 180 -29.88 0.35 -11.78
N LEU A 181 -29.61 1.63 -12.02
CA LEU A 181 -29.19 2.56 -10.97
C LEU A 181 -29.87 3.89 -11.26
N ASN A 182 -30.50 4.47 -10.23
CA ASN A 182 -31.07 5.81 -10.30
C ASN A 182 -30.06 6.82 -9.75
N ILE A 183 -29.92 7.95 -10.45
CA ILE A 183 -28.88 8.91 -10.07
C ILE A 183 -29.11 9.42 -8.66
N GLU A 184 -30.37 9.55 -8.26
CA GLU A 184 -30.64 10.04 -6.91
C GLU A 184 -30.17 9.07 -5.82
N ASP A 185 -29.81 7.83 -6.16
CA ASP A 185 -29.27 6.89 -5.16
C ASP A 185 -27.74 6.90 -5.07
N ILE A 186 -27.07 7.71 -5.89
CA ILE A 186 -25.62 7.83 -5.83
C ILE A 186 -25.24 8.79 -4.71
N ASP A 187 -24.58 8.27 -3.66
CA ASP A 187 -24.08 9.11 -2.58
C ASP A 187 -22.66 8.70 -2.23
N GLU A 188 -22.11 9.30 -1.17
CA GLU A 188 -20.72 9.04 -0.84
CA GLU A 188 -20.72 9.04 -0.81
C GLU A 188 -20.50 7.56 -0.51
N SER A 189 -21.38 6.99 0.31
CA SER A 189 -21.23 5.59 0.67
C SER A 189 -21.27 4.70 -0.56
N LEU A 190 -22.22 4.95 -1.47
CA LEU A 190 -22.25 4.13 -2.68
C LEU A 190 -20.99 4.27 -3.50
N PHE A 191 -20.51 5.51 -3.66
CA PHE A 191 -19.31 5.76 -4.46
C PHE A 191 -18.09 4.97 -3.95
N SER A 192 -17.95 4.86 -2.63
CA SER A 192 -16.83 4.09 -2.07
C SER A 192 -16.85 2.64 -2.53
N THR A 193 -18.05 2.09 -2.75
CA THR A 193 -18.17 0.70 -3.16
C THR A 193 -17.77 0.48 -4.61
N TYR A 194 -17.54 1.55 -5.37
CA TYR A 194 -17.11 1.43 -6.75
C TYR A 194 -15.62 1.67 -6.93
N LEU A 195 -14.88 1.89 -5.84
CA LEU A 195 -13.43 2.06 -5.86
C LEU A 195 -12.78 0.68 -5.76
N MET A 196 -11.47 0.63 -6.02
CA MET A 196 -10.76 -0.63 -5.91
C MET A 196 -10.66 -1.11 -4.47
N THR A 197 -10.84 -0.20 -3.50
CA THR A 197 -10.74 -0.49 -2.08
C THR A 197 -12.07 -0.89 -1.44
N GLU A 198 -13.07 -1.26 -2.24
CA GLU A 198 -14.43 -1.39 -1.73
C GLU A 198 -14.53 -2.32 -0.50
N SER A 199 -13.73 -3.39 -0.44
CA SER A 199 -13.89 -4.27 0.72
C SER A 199 -13.00 -3.87 1.90
N LEU A 200 -12.41 -2.67 1.87
CA LEU A 200 -11.43 -2.24 2.88
C LEU A 200 -11.88 -0.95 3.56
N GLN A 201 -11.69 -0.86 4.87
CA GLN A 201 -11.89 0.43 5.52
C GLN A 201 -10.80 1.41 5.06
N ASP A 202 -11.10 2.71 5.10
CA ASP A 202 -10.11 3.71 4.73
C ASP A 202 -8.93 3.66 5.70
N PRO A 203 -7.70 3.95 5.24
CA PRO A 203 -6.52 3.94 6.12
C PRO A 203 -6.65 5.00 7.20
N GLU A 204 -6.34 4.63 8.43
CA GLU A 204 -6.28 5.67 9.45
C GLU A 204 -4.95 6.38 9.44
N LEU A 205 -3.90 5.73 8.92
CA LEU A 205 -2.55 6.28 8.93
C LEU A 205 -1.94 6.08 7.55
N LEU A 206 -1.40 7.15 6.98
CA LEU A 206 -0.60 7.09 5.78
C LEU A 206 0.83 7.49 6.13
N ILE A 207 1.82 6.66 5.75
CA ILE A 207 3.24 6.96 5.95
C ILE A 207 3.88 7.14 4.58
N ARG A 208 4.62 8.22 4.40
CA ARG A 208 5.39 8.41 3.17
C ARG A 208 6.87 8.56 3.52
N THR A 209 7.70 7.67 2.97
CA THR A 209 9.13 7.71 3.21
C THR A 209 9.81 8.61 2.18
N SER A 210 11.12 8.82 2.35
CA SER A 210 12.02 9.50 1.41
C SER A 210 11.85 11.01 1.33
N GLY A 211 11.13 11.64 2.25
CA GLY A 211 11.25 13.07 2.43
C GLY A 211 10.34 13.95 1.63
N GLU A 212 9.63 13.42 0.61
CA GLU A 212 8.73 14.30 -0.13
C GLU A 212 7.41 14.42 0.64
N ILE A 213 6.86 15.64 0.68
CA ILE A 213 5.61 15.92 1.41
C ILE A 213 4.52 16.16 0.37
N ARG A 214 4.03 15.08 -0.21
CA ARG A 214 3.09 15.06 -1.33
C ARG A 214 2.34 13.75 -1.23
N LEU A 215 1.15 13.74 -1.83
CA LEU A 215 0.35 12.51 -1.94
C LEU A 215 0.67 11.73 -3.20
N SER A 216 1.12 12.40 -4.24
CA SER A 216 1.51 11.73 -5.49
C SER A 216 0.39 10.84 -6.05
N ASN A 217 -0.84 11.32 -6.09
CA ASN A 217 -1.93 10.57 -6.74
C ASN A 217 -2.15 9.20 -6.09
N PHE A 218 -2.04 9.12 -4.77
CA PHE A 218 -2.32 7.87 -4.04
C PHE A 218 -3.57 7.99 -3.15
N MET A 219 -4.55 7.12 -3.37
CA MET A 219 -5.81 7.02 -2.60
C MET A 219 -6.39 8.38 -2.19
N LEU A 220 -6.65 9.22 -3.16
CA LEU A 220 -7.16 10.57 -2.92
C LEU A 220 -8.48 10.51 -2.16
N TRP A 221 -9.42 9.69 -2.60
CA TRP A 221 -10.70 9.65 -1.90
C TRP A 221 -10.54 9.06 -0.50
N GLN A 222 -9.76 7.99 -0.39
CA GLN A 222 -9.77 7.21 0.83
C GLN A 222 -9.00 7.90 1.96
N VAL A 223 -8.07 8.80 1.65
CA VAL A 223 -7.28 9.42 2.70
C VAL A 223 -7.84 10.76 3.13
N ALA A 224 -9.12 11.02 2.87
CA ALA A 224 -9.71 12.32 3.19
C ALA A 224 -9.51 12.71 4.65
N TYR A 225 -9.57 11.74 5.56
CA TYR A 225 -9.46 11.99 7.00
C TYR A 225 -8.27 11.28 7.64
N SER A 226 -7.42 10.63 6.88
CA SER A 226 -6.28 9.93 7.49
C SER A 226 -5.27 10.87 8.11
N GLU A 227 -4.62 10.40 9.18
CA GLU A 227 -3.37 11.01 9.62
C GLU A 227 -2.25 10.72 8.64
N PHE A 228 -1.46 11.74 8.30
CA PHE A 228 -0.28 11.56 7.45
C PHE A 228 0.98 11.64 8.31
N VAL A 229 1.92 10.71 8.14
CA VAL A 229 3.23 10.82 8.79
C VAL A 229 4.28 10.78 7.69
N PHE A 230 5.07 11.84 7.58
CA PHE A 230 6.13 11.95 6.60
C PHE A 230 7.48 11.74 7.27
N THR A 231 8.33 10.89 6.69
CA THR A 231 9.67 10.67 7.22
C THR A 231 10.68 10.82 6.09
N ASP A 232 11.87 11.34 6.44
CA ASP A 232 12.99 11.44 5.51
C ASP A 232 13.69 10.10 5.30
N VAL A 233 13.45 9.12 6.15
CA VAL A 233 14.04 7.79 5.98
C VAL A 233 13.67 7.21 4.62
N LEU A 234 14.66 6.66 3.93
CA LEU A 234 14.42 5.99 2.66
C LEU A 234 13.81 4.62 2.89
N TRP A 235 12.96 4.20 1.97
CA TRP A 235 12.23 2.95 2.20
C TRP A 235 13.14 1.78 2.53
N PRO A 236 14.26 1.52 1.84
CA PRO A 236 15.10 0.38 2.24
C PRO A 236 15.72 0.51 3.63
N ASP A 237 15.71 1.69 4.25
CA ASP A 237 16.21 1.92 5.61
C ASP A 237 15.11 1.93 6.67
N PHE A 238 13.86 1.77 6.26
CA PHE A 238 12.70 1.89 7.17
C PHE A 238 12.58 0.63 8.02
N LYS A 239 13.38 0.55 9.07
CA LYS A 239 13.35 -0.67 9.89
C LYS A 239 12.33 -0.56 11.03
N GLU A 240 12.35 -1.56 11.88
CA GLU A 240 11.35 -1.62 12.95
CA GLU A 240 11.36 -1.62 12.95
C GLU A 240 11.33 -0.35 13.79
N ASP A 241 12.51 0.11 14.18
CA ASP A 241 12.45 1.37 15.00
C ASP A 241 11.80 2.65 14.32
N HIS A 242 11.97 2.75 13.00
CA HIS A 242 11.28 3.86 12.32
C HIS A 242 9.79 3.63 12.23
N PHE A 243 9.38 2.39 11.96
CA PHE A 243 7.96 2.08 11.93
C PHE A 243 7.32 2.38 13.27
N LEU A 244 8.01 2.01 14.36
CA LEU A 244 7.52 2.28 15.70
C LEU A 244 7.42 3.77 15.95
N GLN A 245 8.38 4.56 15.47
CA GLN A 245 8.30 6.01 15.70
C GLN A 245 7.11 6.62 14.98
N ALA A 246 6.80 6.11 13.79
CA ALA A 246 5.64 6.63 13.06
C ALA A 246 4.35 6.33 13.84
N LEU A 247 4.23 5.13 14.36
CA LEU A 247 3.07 4.79 15.20
C LEU A 247 3.02 5.64 16.47
N GLY A 248 4.17 5.89 17.09
CA GLY A 248 4.20 6.74 18.26
C GLY A 248 3.69 8.14 17.97
N GLU A 249 4.09 8.70 16.83
CA GLU A 249 3.59 9.99 16.41
C GLU A 249 2.08 9.94 16.17
N PHE A 250 1.60 8.91 15.46
CA PHE A 250 0.14 8.72 15.30
C PHE A 250 -0.55 8.72 16.66
N GLN A 251 0.01 8.00 17.62
CA GLN A 251 -0.65 7.89 18.92
C GLN A 251 -0.62 9.22 19.67
N GLN A 252 0.49 9.93 19.60
CA GLN A 252 0.59 11.22 20.29
C GLN A 252 -0.48 12.20 19.80
N ARG A 253 -0.83 12.14 18.52
CA ARG A 253 -1.80 13.09 17.98
C ARG A 253 -3.17 12.89 18.59
N GLY A 254 -3.56 11.65 18.85
CA GLY A 254 -4.82 11.35 19.52
C GLY A 254 -4.89 11.84 20.95
N ARG A 255 -3.74 12.16 21.55
CA ARG A 255 -3.69 12.67 22.92
C ARG A 255 -3.66 14.19 23.02
N ARG A 256 -3.65 14.91 21.89
CA ARG A 256 -3.55 16.36 21.95
C ARG A 256 -4.78 16.99 22.62
N PHE A 257 -4.56 17.96 23.50
CA PHE A 257 -5.64 18.72 24.12
C PHE A 257 -5.91 19.98 23.30
N GLY A 258 -6.92 20.75 23.71
CA GLY A 258 -7.19 22.03 23.08
C GLY A 258 -8.33 22.05 22.08
N GLY A 259 -8.99 20.91 21.86
CA GLY A 259 -10.16 20.84 21.02
C GLY A 259 -9.82 20.30 19.63
N ILE A 260 -10.87 20.02 18.85
CA ILE A 260 -10.67 19.48 17.50
C ILE A 260 -10.04 20.53 16.61
C1 PEG B . 6.87 -5.52 -4.03
O1 PEG B . 7.66 -4.95 -5.05
C2 PEG B . 6.39 -6.95 -4.35
O2 PEG B . 5.10 -7.05 -4.94
C3 PEG B . 4.33 -8.15 -4.52
C4 PEG B . 3.12 -8.42 -5.42
O4 PEG B . 2.28 -9.44 -4.94
#